data_4ZW2
#
_entry.id   4ZW2
#
_cell.length_a   46.240
_cell.length_b   69.371
_cell.length_c   131.104
_cell.angle_alpha   90.00
_cell.angle_beta   90.00
_cell.angle_gamma   90.00
#
_symmetry.space_group_name_H-M   'P 21 21 21'
#
loop_
_entity.id
_entity.type
_entity.pdbx_description
1 polymer 'Voltage-dependent L-type calcium channel subunit beta-1,Voltage-dependent L-type calcium channel subunit beta-1'
2 polymer 'Voltage-dependent L-type calcium channel subunit alpha-1S'
3 non-polymer 'TRIETHYLENE GLYCOL'
4 water water
#
loop_
_entity_poly.entity_id
_entity_poly.type
_entity_poly.pdbx_seq_one_letter_code
_entity_poly.pdbx_strand_id
1 'polypeptide(L)'
;GPGSSDSDVSLEEDREALRKEAERQALAQLEKAKTKPVAFAVRTNVGYNPSPGDEVPVQGVAITFEPKDFLHIKEKYNND
WWIGRLVKEGCEVGFIPSPVKLDSLRLLQEQTLRQNRLSSSKHGKRIPFFKKTEHVPPYDVVPSMRPIILVGPSLKGYEV
TDMMQKALFDFLKHRFDGRISITRVTADISLAKRSVLNNPSKHIIIERSNTRSSLAEVQSEIERIFELARTLQLVALDAD
TINHPAQLSKTSLAPIIVYIKITSPKVLQRLIKSRGKSQSKHLNVQIAASEKLAQCPPEMFDIILDENQLEDACEHLAEY
LEAYWKATHPPSS
;
A
2 'polypeptide(L)' (ACE)QQLEEDLRGYMSWITQGE(NH2) B
#
loop_
_chem_comp.id
_chem_comp.type
_chem_comp.name
_chem_comp.formula
ACE non-polymer 'ACETYL GROUP' 'C2 H4 O'
NH2 non-polymer 'AMINO GROUP' 'H2 N'
PGE non-polymer 'TRIETHYLENE GLYCOL' 'C6 H14 O4'
#
# COMPACT_ATOMS: atom_id res chain seq x y z
N ARG A 15 -17.40 -42.06 -11.21
CA ARG A 15 -16.07 -41.50 -11.58
C ARG A 15 -16.20 -40.02 -11.90
N GLU A 16 -16.87 -39.74 -13.01
CA GLU A 16 -17.15 -38.37 -13.47
C GLU A 16 -18.48 -37.79 -12.95
N ALA A 17 -19.33 -38.58 -12.26
CA ALA A 17 -20.50 -38.04 -11.52
C ALA A 17 -20.15 -37.55 -10.11
N LEU A 18 -19.27 -38.27 -9.40
CA LEU A 18 -18.71 -37.83 -8.11
C LEU A 18 -18.03 -36.46 -8.20
N ARG A 19 -17.33 -36.26 -9.30
CA ARG A 19 -16.55 -35.06 -9.54
C ARG A 19 -17.39 -33.90 -10.12
N LYS A 20 -18.46 -34.20 -10.87
CA LYS A 20 -19.49 -33.19 -11.23
C LYS A 20 -20.17 -32.70 -9.95
N GLU A 21 -20.38 -33.62 -9.00
CA GLU A 21 -20.96 -33.27 -7.70
C GLU A 21 -20.08 -32.40 -6.80
N ALA A 22 -18.85 -32.83 -6.47
CA ALA A 22 -17.98 -32.11 -5.51
C ALA A 22 -17.57 -30.71 -6.00
N GLU A 23 -17.62 -30.55 -7.34
CA GLU A 23 -17.58 -29.30 -8.06
C GLU A 23 -18.84 -28.41 -7.88
N ARG A 24 -20.03 -29.05 -7.73
CA ARG A 24 -21.23 -28.35 -7.29
C ARG A 24 -21.14 -27.89 -5.82
N GLN A 25 -20.53 -28.65 -4.90
CA GLN A 25 -20.34 -28.18 -3.51
C GLN A 25 -19.46 -26.91 -3.48
N ALA A 26 -18.32 -27.00 -4.17
CA ALA A 26 -17.36 -25.87 -4.26
C ALA A 26 -18.00 -24.62 -4.91
N LEU A 27 -18.80 -24.80 -5.97
CA LEU A 27 -19.47 -23.66 -6.63
C LEU A 27 -20.50 -23.01 -5.70
N ALA A 28 -21.16 -23.83 -4.88
CA ALA A 28 -22.06 -23.36 -3.82
C ALA A 28 -21.34 -22.56 -2.74
N GLN A 29 -20.16 -22.99 -2.35
CA GLN A 29 -19.36 -22.27 -1.35
C GLN A 29 -18.87 -20.91 -1.83
N LEU A 30 -18.55 -20.88 -3.14
CA LEU A 30 -18.11 -19.69 -3.88
C LEU A 30 -19.25 -18.65 -3.95
N GLU A 31 -20.47 -19.12 -4.25
CA GLU A 31 -21.65 -18.23 -4.21
C GLU A 31 -21.80 -17.56 -2.87
N LYS A 32 -21.77 -18.38 -1.83
CA LYS A 32 -21.92 -17.99 -0.44
C LYS A 32 -20.81 -17.01 -0.03
N ALA A 33 -19.61 -17.20 -0.59
CA ALA A 33 -18.51 -16.31 -0.26
C ALA A 33 -18.67 -14.90 -0.84
N LYS A 34 -19.51 -14.70 -1.86
CA LYS A 34 -19.70 -13.35 -2.45
C LYS A 34 -20.06 -12.33 -1.40
N THR A 35 -20.91 -12.75 -0.46
CA THR A 35 -21.43 -11.88 0.58
C THR A 35 -20.77 -12.02 1.95
N LYS A 36 -19.83 -12.95 2.15
CA LYS A 36 -19.05 -12.96 3.42
C LYS A 36 -18.23 -11.70 3.57
N PRO A 37 -17.92 -11.34 4.83
CA PRO A 37 -16.96 -10.25 5.02
C PRO A 37 -15.55 -10.67 4.55
N VAL A 38 -14.73 -9.68 4.24
CA VAL A 38 -13.29 -9.91 3.93
C VAL A 38 -12.65 -10.32 5.21
N ALA A 39 -12.13 -11.54 5.24
CA ALA A 39 -11.41 -12.07 6.39
C ALA A 39 -10.03 -11.44 6.55
N PHE A 40 -9.32 -11.24 5.45
CA PHE A 40 -7.95 -10.64 5.51
C PHE A 40 -7.55 -10.33 4.07
N ALA A 41 -6.53 -9.49 3.91
CA ALA A 41 -6.09 -9.12 2.59
C ALA A 41 -4.61 -9.46 2.47
N VAL A 42 -4.20 -9.71 1.25
CA VAL A 42 -2.77 -9.91 0.95
C VAL A 42 -2.32 -9.04 -0.18
N ARG A 43 -1.02 -8.73 -0.20
CA ARG A 43 -0.40 -8.18 -1.37
C ARG A 43 0.58 -9.23 -1.89
N THR A 44 0.53 -9.54 -3.18
CA THR A 44 1.26 -10.70 -3.63
C THR A 44 2.74 -10.33 -3.90
N ASN A 45 3.65 -11.28 -3.81
CA ASN A 45 5.05 -11.09 -4.20
C ASN A 45 5.36 -11.88 -5.45
N VAL A 46 4.36 -12.58 -5.96
CA VAL A 46 4.52 -13.49 -7.11
C VAL A 46 3.29 -13.31 -7.98
N GLY A 47 3.42 -13.64 -9.26
CA GLY A 47 2.25 -13.74 -10.17
C GLY A 47 1.79 -15.21 -10.26
N TYR A 48 0.61 -15.38 -10.80
CA TYR A 48 0.02 -16.71 -10.94
C TYR A 48 -0.85 -16.73 -12.20
N ASN A 49 -0.56 -17.64 -13.10
CA ASN A 49 -1.41 -17.88 -14.29
C ASN A 49 -1.97 -19.28 -14.19
N PRO A 50 -3.25 -19.40 -13.87
CA PRO A 50 -3.75 -20.74 -13.67
C PRO A 50 -3.73 -21.61 -14.94
N SER A 51 -3.71 -22.91 -14.75
CA SER A 51 -3.85 -23.80 -15.88
C SER A 51 -4.70 -24.98 -15.42
N PRO A 52 -5.31 -25.74 -16.36
CA PRO A 52 -6.22 -26.85 -16.03
C PRO A 52 -5.65 -27.92 -15.06
N GLY A 53 -4.36 -28.24 -15.20
CA GLY A 53 -3.68 -29.18 -14.32
C GLY A 53 -3.56 -28.74 -12.85
N ASP A 54 -3.80 -27.47 -12.57
CA ASP A 54 -3.77 -26.98 -11.22
C ASP A 54 -4.84 -27.56 -10.29
N GLU A 55 -5.83 -28.27 -10.85
CA GLU A 55 -6.90 -28.89 -10.07
CA GLU A 55 -6.93 -28.87 -10.13
C GLU A 55 -7.66 -27.83 -9.26
N VAL A 56 -8.09 -26.79 -9.93
CA VAL A 56 -8.91 -25.70 -9.33
C VAL A 56 -10.24 -26.34 -8.92
N PRO A 57 -10.75 -26.04 -7.72
CA PRO A 57 -12.01 -26.76 -7.30
C PRO A 57 -13.24 -26.60 -8.26
N VAL A 58 -13.31 -25.48 -8.92
CA VAL A 58 -14.23 -25.29 -10.02
C VAL A 58 -13.43 -24.92 -11.22
N GLN A 59 -13.52 -25.75 -12.25
CA GLN A 59 -12.73 -25.58 -13.45
C GLN A 59 -12.96 -24.18 -14.01
N GLY A 60 -11.87 -23.50 -14.36
CA GLY A 60 -11.94 -22.19 -14.98
C GLY A 60 -12.20 -21.03 -14.08
N VAL A 61 -12.31 -21.25 -12.76
CA VAL A 61 -12.59 -20.16 -11.87
C VAL A 61 -11.49 -19.84 -10.84
N ALA A 62 -10.23 -20.05 -11.23
CA ALA A 62 -9.09 -19.53 -10.47
C ALA A 62 -8.90 -18.07 -10.79
N ILE A 63 -8.36 -17.32 -9.85
CA ILE A 63 -8.02 -15.93 -10.11
C ILE A 63 -6.58 -15.81 -10.68
N THR A 64 -6.42 -15.09 -11.80
CA THR A 64 -5.11 -14.72 -12.33
C THR A 64 -4.63 -13.43 -11.68
N PHE A 65 -3.37 -13.38 -11.26
CA PHE A 65 -2.82 -12.16 -10.70
C PHE A 65 -1.33 -12.00 -10.95
N GLU A 66 -0.84 -10.79 -10.69
CA GLU A 66 0.55 -10.45 -10.97
C GLU A 66 1.24 -10.09 -9.64
N PRO A 67 2.57 -10.02 -9.63
CA PRO A 67 3.26 -9.54 -8.44
C PRO A 67 2.78 -8.16 -8.07
N LYS A 68 2.56 -7.98 -6.78
CA LYS A 68 2.17 -6.74 -6.21
C LYS A 68 0.71 -6.42 -6.33
N ASP A 69 -0.07 -7.36 -6.78
CA ASP A 69 -1.51 -7.21 -6.70
C ASP A 69 -2.05 -7.36 -5.28
N PHE A 70 -3.26 -6.85 -5.05
CA PHE A 70 -3.97 -6.95 -3.82
C PHE A 70 -5.16 -7.90 -3.94
N LEU A 71 -5.30 -8.81 -3.00
CA LEU A 71 -6.38 -9.81 -2.97
C LEU A 71 -7.12 -9.70 -1.66
N HIS A 72 -8.44 -9.69 -1.71
CA HIS A 72 -9.25 -9.79 -0.51
C HIS A 72 -9.73 -11.21 -0.38
N ILE A 73 -9.48 -11.81 0.78
CA ILE A 73 -9.72 -13.21 1.01
C ILE A 73 -10.98 -13.34 1.87
N LYS A 74 -11.97 -14.07 1.36
CA LYS A 74 -13.20 -14.32 2.12
C LYS A 74 -13.08 -15.49 3.09
N GLU A 75 -12.42 -16.58 2.64
CA GLU A 75 -12.22 -17.78 3.43
C GLU A 75 -11.11 -18.64 2.82
N LYS A 76 -10.57 -19.49 3.68
CA LYS A 76 -9.65 -20.53 3.30
C LYS A 76 -10.52 -21.75 3.06
N TYR A 77 -10.65 -22.11 1.80
CA TYR A 77 -11.56 -23.19 1.40
C TYR A 77 -11.02 -24.54 1.85
N ASN A 78 -9.75 -24.80 1.55
CA ASN A 78 -9.07 -26.02 2.01
C ASN A 78 -7.58 -25.76 2.09
N ASN A 79 -6.75 -26.79 2.21
CA ASN A 79 -5.33 -26.55 2.42
CA ASN A 79 -5.32 -26.58 2.40
C ASN A 79 -4.64 -25.90 1.19
N ASP A 80 -5.20 -26.18 -0.01
CA ASP A 80 -4.66 -25.75 -1.27
C ASP A 80 -5.28 -24.48 -1.84
N TRP A 81 -6.47 -24.11 -1.38
CA TRP A 81 -7.23 -23.07 -2.03
C TRP A 81 -7.96 -22.18 -1.04
N TRP A 82 -7.86 -20.90 -1.36
CA TRP A 82 -8.62 -19.82 -0.70
C TRP A 82 -9.71 -19.30 -1.64
N ILE A 83 -10.72 -18.62 -1.10
CA ILE A 83 -11.66 -17.93 -1.93
C ILE A 83 -11.56 -16.43 -1.72
N GLY A 84 -11.41 -15.68 -2.81
CA GLY A 84 -11.31 -14.26 -2.78
C GLY A 84 -11.29 -13.57 -4.13
N ARG A 85 -10.91 -12.29 -4.14
CA ARG A 85 -10.98 -11.51 -5.33
C ARG A 85 -9.84 -10.56 -5.39
N LEU A 86 -9.43 -10.31 -6.61
CA LEU A 86 -8.57 -9.18 -6.90
C LEU A 86 -9.29 -7.89 -6.55
N VAL A 87 -8.54 -6.94 -5.94
CA VAL A 87 -9.13 -5.65 -5.51
C VAL A 87 -9.13 -4.65 -6.67
N LYS A 88 -10.14 -4.83 -7.52
CA LYS A 88 -10.24 -4.17 -8.79
C LYS A 88 -11.67 -4.22 -9.28
N GLU A 89 -12.08 -3.08 -9.81
CA GLU A 89 -13.42 -2.94 -10.29
C GLU A 89 -13.75 -3.98 -11.34
N GLY A 90 -14.89 -4.65 -11.16
CA GLY A 90 -15.37 -5.69 -12.04
C GLY A 90 -14.91 -7.08 -11.65
N CYS A 91 -13.98 -7.20 -10.72
CA CYS A 91 -13.43 -8.51 -10.41
C CYS A 91 -14.26 -9.13 -9.33
N GLU A 92 -14.59 -10.39 -9.53
CA GLU A 92 -15.47 -11.14 -8.62
C GLU A 92 -14.68 -12.28 -7.95
N VAL A 93 -15.29 -12.86 -6.93
CA VAL A 93 -14.61 -13.92 -6.18
C VAL A 93 -14.36 -15.16 -7.04
N GLY A 94 -13.25 -15.82 -6.75
CA GLY A 94 -12.78 -17.03 -7.42
C GLY A 94 -11.81 -17.73 -6.49
N PHE A 95 -11.22 -18.81 -6.96
CA PHE A 95 -10.31 -19.62 -6.20
C PHE A 95 -8.88 -19.06 -6.37
N ILE A 96 -8.19 -18.94 -5.22
CA ILE A 96 -6.87 -18.37 -5.16
C ILE A 96 -6.00 -19.43 -4.53
N PRO A 97 -4.87 -19.79 -5.17
CA PRO A 97 -4.04 -20.83 -4.51
C PRO A 97 -3.45 -20.40 -3.14
N SER A 98 -3.49 -21.32 -2.16
CA SER A 98 -2.87 -21.03 -0.86
C SER A 98 -1.34 -20.95 -1.05
N PRO A 99 -0.61 -20.32 -0.13
CA PRO A 99 0.88 -20.48 -0.17
C PRO A 99 1.42 -21.89 -0.36
N VAL A 100 0.80 -22.91 0.28
CA VAL A 100 1.14 -24.28 0.09
C VAL A 100 0.99 -24.71 -1.35
N LYS A 101 -0.15 -24.39 -1.95
CA LYS A 101 -0.40 -24.77 -3.36
C LYS A 101 0.61 -24.07 -4.28
N LEU A 102 0.87 -22.79 -4.05
CA LEU A 102 1.81 -22.04 -4.90
C LEU A 102 3.18 -22.64 -4.84
N ASP A 103 3.60 -23.04 -3.62
CA ASP A 103 4.86 -23.73 -3.48
C ASP A 103 4.89 -25.06 -4.19
N SER A 104 3.84 -25.90 -4.09
CA SER A 104 3.84 -27.12 -4.81
C SER A 104 3.87 -26.89 -6.34
N LEU A 105 3.18 -25.88 -6.82
CA LEU A 105 3.14 -25.63 -8.30
C LEU A 105 4.50 -25.09 -8.77
N ARG A 106 5.11 -24.24 -7.95
CA ARG A 106 6.40 -23.73 -8.26
C ARG A 106 7.44 -24.81 -8.36
N LEU A 107 7.36 -25.77 -7.47
CA LEU A 107 8.28 -26.85 -7.45
C LEU A 107 8.08 -27.71 -8.70
N LEU A 108 6.81 -27.99 -9.06
CA LEU A 108 6.53 -28.75 -10.24
C LEU A 108 7.04 -28.01 -11.48
N GLN A 109 6.91 -26.70 -11.49
CA GLN A 109 7.36 -25.86 -12.59
C GLN A 109 8.91 -25.93 -12.75
N GLU A 110 9.66 -25.85 -11.64
CA GLU A 110 11.13 -26.12 -11.70
CA GLU A 110 11.14 -26.13 -11.65
C GLU A 110 11.51 -27.51 -12.18
N GLN A 111 10.80 -28.55 -11.75
CA GLN A 111 11.08 -29.93 -12.16
C GLN A 111 10.75 -30.16 -13.63
N THR A 112 9.69 -29.48 -14.09
CA THR A 112 9.29 -29.59 -15.49
C THR A 112 10.22 -28.81 -16.40
N LEU A 113 10.74 -27.74 -15.90
CA LEU A 113 11.83 -27.03 -16.57
C LEU A 113 13.08 -27.88 -16.81
N ARG A 114 13.51 -28.61 -15.78
CA ARG A 114 14.63 -29.51 -15.89
C ARG A 114 14.32 -30.63 -16.91
N GLN A 115 13.07 -31.09 -16.92
CA GLN A 115 12.68 -32.15 -17.82
C GLN A 115 12.80 -31.68 -19.32
N ASN A 116 12.43 -30.44 -19.54
CA ASN A 116 12.36 -29.82 -20.88
C ASN A 116 13.63 -29.16 -21.35
N ARG A 117 14.60 -29.06 -20.45
CA ARG A 117 15.91 -28.55 -20.76
C ARG A 117 16.64 -29.36 -21.84
N LEU A 118 17.45 -28.60 -22.58
CA LEU A 118 18.28 -29.20 -23.61
C LEU A 118 19.66 -29.46 -23.01
N SER A 119 20.09 -30.72 -23.07
CA SER A 119 21.43 -31.12 -22.60
C SER A 119 22.60 -30.29 -23.24
N SER A 120 22.30 -29.53 -24.31
CA SER A 120 23.23 -28.52 -24.90
C SER A 120 23.36 -27.25 -24.05
N SER A 121 22.49 -27.10 -23.04
CA SER A 121 22.55 -25.96 -22.14
C SER A 121 23.77 -26.07 -21.20
N LYS A 122 24.27 -24.93 -20.74
CA LYS A 122 25.40 -24.87 -19.81
C LYS A 122 24.85 -24.56 -18.38
N HIS A 123 25.73 -24.51 -17.37
CA HIS A 123 25.26 -24.19 -15.98
C HIS A 123 24.75 -22.75 -15.88
N GLY A 124 23.83 -22.52 -14.96
CA GLY A 124 23.36 -21.16 -14.64
C GLY A 124 24.38 -20.31 -13.90
N LYS A 125 24.17 -18.98 -13.90
CA LYS A 125 25.03 -18.02 -13.16
C LYS A 125 24.91 -18.42 -11.66
N ARG A 126 26.03 -18.64 -10.97
CA ARG A 126 25.99 -19.11 -9.54
C ARG A 126 25.50 -18.15 -8.45
N ILE A 127 24.84 -18.71 -7.43
CA ILE A 127 24.64 -17.97 -6.18
C ILE A 127 26.09 -17.67 -5.73
N PRO A 128 26.45 -16.37 -5.62
CA PRO A 128 27.79 -15.99 -5.17
C PRO A 128 28.01 -16.32 -3.68
N PHE A 129 29.20 -16.82 -3.36
CA PHE A 129 29.36 -17.54 -2.10
C PHE A 129 28.99 -16.61 -0.90
N PHE A 130 28.35 -17.21 0.07
CA PHE A 130 28.12 -16.56 1.38
C PHE A 130 27.04 -15.51 1.40
N LYS A 131 26.38 -15.25 0.25
CA LYS A 131 25.39 -14.22 0.12
C LYS A 131 24.16 -14.63 0.97
N LYS A 132 23.68 -13.73 1.84
CA LYS A 132 22.52 -14.01 2.73
C LYS A 132 21.26 -13.48 2.02
N THR A 133 20.24 -14.32 1.78
CA THR A 133 18.93 -13.88 1.27
C THR A 133 17.77 -14.13 2.24
N GLU A 134 16.97 -13.11 2.47
CA GLU A 134 15.69 -13.22 3.19
C GLU A 134 14.71 -13.90 2.21
N HIS A 135 14.10 -14.96 2.71
CA HIS A 135 13.00 -15.67 2.04
C HIS A 135 11.82 -14.71 1.96
N VAL A 136 11.18 -14.72 0.80
CA VAL A 136 10.01 -13.82 0.51
C VAL A 136 8.81 -14.78 0.33
N PRO A 137 7.86 -14.72 1.23
CA PRO A 137 6.68 -15.57 1.06
C PRO A 137 5.84 -15.11 -0.14
N PRO A 138 4.98 -15.98 -0.74
CA PRO A 138 4.26 -15.59 -1.94
C PRO A 138 3.28 -14.47 -1.69
N TYR A 139 2.77 -14.41 -0.46
CA TYR A 139 1.84 -13.35 -0.04
C TYR A 139 2.29 -12.69 1.26
N ASP A 140 2.11 -11.38 1.35
CA ASP A 140 2.17 -10.67 2.61
C ASP A 140 0.79 -10.22 3.06
N VAL A 141 0.48 -10.38 4.35
CA VAL A 141 -0.83 -9.90 4.90
C VAL A 141 -0.72 -8.40 5.04
N VAL A 142 -1.69 -7.69 4.51
CA VAL A 142 -1.72 -6.22 4.52
C VAL A 142 -3.09 -5.78 5.02
N PRO A 143 -3.24 -4.50 5.42
CA PRO A 143 -4.54 -4.04 5.90
C PRO A 143 -5.56 -4.23 4.78
N SER A 144 -6.80 -4.51 5.14
CA SER A 144 -7.85 -4.73 4.12
C SER A 144 -8.18 -3.46 3.35
N MET A 145 -7.91 -2.31 3.93
CA MET A 145 -7.98 -1.02 3.24
C MET A 145 -6.62 -0.36 3.42
N ARG A 146 -6.02 0.06 2.31
CA ARG A 146 -4.68 0.61 2.31
C ARG A 146 -4.73 1.97 3.02
N PRO A 147 -3.86 2.14 4.04
CA PRO A 147 -3.94 3.45 4.73
C PRO A 147 -3.36 4.60 3.87
N ILE A 148 -4.04 5.73 3.88
CA ILE A 148 -3.68 6.89 3.11
C ILE A 148 -2.70 7.70 3.92
N ILE A 149 -1.56 7.98 3.34
CA ILE A 149 -0.50 8.72 3.97
C ILE A 149 -0.11 9.86 3.04
N LEU A 150 -0.02 11.07 3.59
CA LEU A 150 0.38 12.25 2.83
C LEU A 150 1.89 12.51 2.97
N VAL A 151 2.59 12.74 1.87
CA VAL A 151 3.94 13.23 1.88
C VAL A 151 4.01 14.52 1.07
N GLY A 152 4.87 15.40 1.55
CA GLY A 152 5.09 16.70 0.89
C GLY A 152 4.10 17.78 1.30
N PRO A 153 4.32 19.02 0.83
CA PRO A 153 5.35 19.40 -0.17
C PRO A 153 6.79 19.41 0.35
N SER A 154 6.95 19.45 1.66
CA SER A 154 8.25 19.44 2.23
C SER A 154 8.14 18.61 3.51
N LEU A 155 8.89 18.96 4.56
CA LEU A 155 8.96 18.13 5.78
C LEU A 155 7.82 18.39 6.73
N LYS A 156 7.31 17.33 7.32
CA LYS A 156 6.38 17.43 8.41
C LYS A 156 7.03 18.09 9.62
N GLY A 157 6.19 18.71 10.44
CA GLY A 157 6.68 19.41 11.61
C GLY A 157 7.08 20.86 11.36
N TYR A 158 6.85 21.34 10.12
CA TYR A 158 7.04 22.74 9.76
C TYR A 158 5.68 23.20 9.20
N GLU A 159 5.46 24.49 9.26
CA GLU A 159 4.11 25.02 9.08
C GLU A 159 3.58 24.87 7.64
N VAL A 160 4.38 25.09 6.60
CA VAL A 160 3.83 25.01 5.22
C VAL A 160 3.30 23.60 5.02
N THR A 161 4.13 22.59 5.31
CA THR A 161 3.63 21.19 5.12
C THR A 161 2.50 20.80 6.04
N ASP A 162 2.63 21.06 7.35
CA ASP A 162 1.62 20.68 8.32
C ASP A 162 0.25 21.29 7.97
N MET A 163 0.24 22.58 7.64
CA MET A 163 -1.01 23.24 7.29
C MET A 163 -1.60 22.74 5.99
N MET A 164 -0.78 22.58 4.96
CA MET A 164 -1.33 22.11 3.69
C MET A 164 -1.93 20.68 3.87
N GLN A 165 -1.22 19.83 4.59
CA GLN A 165 -1.72 18.46 4.88
C GLN A 165 -2.99 18.47 5.72
N LYS A 166 -3.03 19.32 6.75
CA LYS A 166 -4.23 19.48 7.56
C LYS A 166 -5.46 19.87 6.70
N ALA A 167 -5.29 20.80 5.76
CA ALA A 167 -6.39 21.19 4.93
C ALA A 167 -6.95 19.99 4.17
N LEU A 168 -6.07 19.14 3.69
CA LEU A 168 -6.54 17.95 2.98
C LEU A 168 -7.22 16.94 3.87
N PHE A 169 -6.70 16.64 5.06
CA PHE A 169 -7.42 15.69 5.87
CA PHE A 169 -7.37 15.73 6.01
C PHE A 169 -8.74 16.29 6.36
N ASP A 170 -8.78 17.61 6.62
CA ASP A 170 -10.05 18.27 6.97
C ASP A 170 -11.08 18.09 5.84
N PHE A 171 -10.66 18.29 4.61
CA PHE A 171 -11.49 18.06 3.48
C PHE A 171 -12.00 16.58 3.52
N LEU A 172 -11.09 15.61 3.64
CA LEU A 172 -11.53 14.20 3.63
C LEU A 172 -12.53 13.85 4.74
N LYS A 173 -12.38 14.49 5.91
CA LYS A 173 -13.21 14.20 7.02
C LYS A 173 -14.68 14.44 6.66
N HIS A 174 -14.96 15.54 5.99
CA HIS A 174 -16.35 15.80 5.61
C HIS A 174 -16.72 15.11 4.32
N ARG A 175 -15.80 15.08 3.38
CA ARG A 175 -16.10 14.57 2.04
C ARG A 175 -16.44 13.06 2.02
N PHE A 176 -15.79 12.31 2.94
CA PHE A 176 -16.07 10.88 3.14
C PHE A 176 -16.63 10.56 4.51
N ASP A 177 -17.35 11.50 5.09
CA ASP A 177 -18.00 11.23 6.38
C ASP A 177 -18.93 10.04 6.31
N GLY A 178 -18.78 9.13 7.29
CA GLY A 178 -19.49 7.91 7.33
C GLY A 178 -18.76 6.80 6.66
N ARG A 179 -17.64 7.11 6.02
CA ARG A 179 -16.88 6.11 5.30
C ARG A 179 -15.37 6.17 5.58
N ILE A 180 -15.00 6.97 6.56
CA ILE A 180 -13.55 7.16 6.74
C ILE A 180 -13.20 7.26 8.23
N SER A 181 -11.99 6.84 8.55
CA SER A 181 -11.38 7.06 9.88
C SER A 181 -10.07 7.83 9.65
N ILE A 182 -9.82 8.88 10.40
CA ILE A 182 -8.58 9.68 10.27
C ILE A 182 -7.93 9.70 11.64
N THR A 183 -6.72 9.16 11.78
CA THR A 183 -6.14 9.06 13.15
C THR A 183 -4.66 9.40 13.10
N ARG A 184 -4.16 9.85 14.23
CA ARG A 184 -2.74 10.17 14.34
CA ARG A 184 -2.74 10.19 14.41
C ARG A 184 -1.97 8.92 14.75
N VAL A 185 -0.85 8.71 14.07
CA VAL A 185 -0.06 7.57 14.43
C VAL A 185 0.95 8.02 15.51
N THR A 186 1.03 7.22 16.57
CA THR A 186 1.79 7.53 17.80
C THR A 186 3.17 6.82 17.93
N ALA A 187 3.47 5.95 16.94
CA ALA A 187 4.74 5.26 16.82
C ALA A 187 5.37 5.52 15.45
N ASP A 188 6.70 5.44 15.37
CA ASP A 188 7.40 5.58 14.13
C ASP A 188 7.27 4.30 13.28
N ILE A 189 6.30 4.37 12.41
CA ILE A 189 5.92 3.24 11.57
C ILE A 189 6.91 2.91 10.46
N SER A 190 7.89 3.77 10.22
CA SER A 190 8.95 3.37 9.31
C SER A 190 9.75 2.17 9.89
N LEU A 191 9.72 1.96 11.22
CA LEU A 191 10.39 0.81 11.81
C LEU A 191 9.74 -0.55 11.52
N ALA A 192 8.53 -0.55 11.00
CA ALA A 192 7.71 -1.78 10.85
C ALA A 192 8.05 -2.66 9.64
N LYS A 193 9.34 -2.88 9.45
CA LYS A 193 9.82 -3.67 8.31
C LYS A 193 9.25 -5.06 8.44
N ARG A 194 8.82 -5.61 7.30
CA ARG A 194 8.12 -6.90 7.27
C ARG A 194 8.98 -7.94 7.99
N SER A 195 10.27 -8.00 7.62
CA SER A 195 11.19 -9.00 8.20
C SER A 195 11.45 -8.83 9.72
N VAL A 196 11.50 -7.57 10.20
CA VAL A 196 11.67 -7.25 11.63
C VAL A 196 10.43 -7.63 12.47
N LEU A 197 9.24 -7.28 11.97
CA LEU A 197 7.99 -7.64 12.67
C LEU A 197 7.71 -9.13 12.66
N ASN A 198 8.08 -9.80 11.57
CA ASN A 198 7.89 -11.25 11.46
C ASN A 198 8.82 -12.10 12.34
N ASN A 199 9.99 -11.56 12.76
CA ASN A 199 10.96 -12.21 13.71
C ASN A 199 11.77 -11.14 14.49
N PRO A 200 11.16 -10.50 15.51
CA PRO A 200 11.86 -9.38 16.19
C PRO A 200 13.21 -9.72 16.88
N SER A 201 13.31 -10.94 17.39
CA SER A 201 14.51 -11.37 18.09
C SER A 201 15.68 -11.64 17.10
N LYS A 202 15.37 -11.81 15.80
CA LYS A 202 16.42 -11.98 14.77
C LYS A 202 17.02 -10.63 14.30
N HIS A 203 16.50 -9.51 14.78
CA HIS A 203 16.97 -8.21 14.26
C HIS A 203 17.42 -7.28 15.38
N ILE A 204 18.01 -7.80 16.43
CA ILE A 204 18.43 -6.95 17.55
CA ILE A 204 18.43 -6.94 17.53
C ILE A 204 19.76 -6.27 17.19
N ILE A 205 19.76 -4.94 17.05
CA ILE A 205 20.98 -4.24 16.70
C ILE A 205 21.36 -3.27 17.84
N ILE A 206 22.54 -3.40 18.31
CA ILE A 206 23.04 -2.60 19.45
C ILE A 206 23.76 -1.42 18.76
N GLU A 207 23.25 -0.21 18.97
CA GLU A 207 23.74 0.96 18.26
C GLU A 207 23.30 2.23 19.05
N ARG A 208 23.73 3.42 18.61
CA ARG A 208 23.37 4.69 19.27
C ARG A 208 22.52 5.34 18.21
N SER A 209 21.29 5.70 18.56
CA SER A 209 20.43 6.24 17.59
C SER A 209 19.37 7.20 18.22
N ASN A 210 18.75 8.02 17.39
CA ASN A 210 17.71 8.99 17.84
C ASN A 210 16.35 8.47 17.71
N THR A 211 16.22 7.16 17.54
CA THR A 211 14.89 6.53 17.53
C THR A 211 14.08 6.92 18.82
N ARG A 212 12.78 7.16 18.64
CA ARG A 212 11.84 7.56 19.70
C ARG A 212 10.78 6.48 20.03
N SER A 213 10.60 5.48 19.17
CA SER A 213 9.66 4.35 19.42
C SER A 213 10.31 3.02 19.65
N SER A 214 9.79 2.28 20.63
CA SER A 214 10.15 0.87 20.75
C SER A 214 9.46 0.01 19.70
N LEU A 215 10.04 -1.15 19.41
CA LEU A 215 9.38 -2.08 18.48
C LEU A 215 8.03 -2.60 19.04
N ALA A 216 7.93 -2.77 20.37
CA ALA A 216 6.63 -3.06 20.94
C ALA A 216 5.61 -1.99 20.65
N GLU A 217 6.00 -0.71 20.71
CA GLU A 217 5.11 0.37 20.44
C GLU A 217 4.70 0.37 18.97
N VAL A 218 5.67 0.15 18.09
CA VAL A 218 5.44 0.10 16.69
C VAL A 218 4.45 -1.05 16.36
N GLN A 219 4.68 -2.18 16.97
CA GLN A 219 3.81 -3.36 16.75
C GLN A 219 2.31 -3.10 17.17
N SER A 220 2.10 -2.45 18.30
CA SER A 220 0.76 -2.03 18.73
C SER A 220 0.14 -1.09 17.74
N GLU A 221 0.91 -0.16 17.19
CA GLU A 221 0.39 0.74 16.19
C GLU A 221 -0.02 0.06 14.89
N ILE A 222 0.80 -0.85 14.38
CA ILE A 222 0.48 -1.63 13.22
C ILE A 222 -0.82 -2.44 13.42
N GLU A 223 -0.96 -3.06 14.58
CA GLU A 223 -2.19 -3.78 14.94
C GLU A 223 -3.43 -2.84 14.92
N ARG A 224 -3.26 -1.67 15.49
CA ARG A 224 -4.34 -0.69 15.50
C ARG A 224 -4.77 -0.30 14.06
N ILE A 225 -3.80 -0.07 13.18
CA ILE A 225 -4.06 0.29 11.78
C ILE A 225 -4.84 -0.82 11.08
N PHE A 226 -4.38 -2.06 11.22
CA PHE A 226 -5.08 -3.23 10.62
C PHE A 226 -6.52 -3.29 11.10
N GLU A 227 -6.73 -3.10 12.42
CA GLU A 227 -8.06 -3.15 12.95
C GLU A 227 -8.96 -2.01 12.42
N LEU A 228 -8.47 -0.80 12.30
CA LEU A 228 -9.26 0.29 11.70
C LEU A 228 -9.78 -0.09 10.28
N ALA A 229 -8.99 -0.86 9.53
CA ALA A 229 -9.29 -1.20 8.17
C ALA A 229 -10.15 -2.43 8.00
N ARG A 230 -10.39 -3.17 9.06
CA ARG A 230 -11.02 -4.48 8.93
C ARG A 230 -12.45 -4.41 8.42
N THR A 231 -13.20 -3.34 8.75
CA THR A 231 -14.58 -3.28 8.25
C THR A 231 -14.71 -2.51 6.90
N LEU A 232 -13.57 -2.34 6.23
CA LEU A 232 -13.43 -1.76 4.92
C LEU A 232 -13.85 -0.26 4.81
N GLN A 233 -13.76 0.50 5.90
CA GLN A 233 -13.79 1.96 5.81
C GLN A 233 -12.41 2.47 5.30
N LEU A 234 -12.41 3.64 4.68
CA LEU A 234 -11.19 4.26 4.29
C LEU A 234 -10.46 4.59 5.60
N VAL A 235 -9.15 4.48 5.54
CA VAL A 235 -8.30 4.78 6.66
C VAL A 235 -7.25 5.80 6.20
N ALA A 236 -7.19 6.93 6.90
CA ALA A 236 -6.12 7.89 6.69
C ALA A 236 -5.34 8.11 7.96
N LEU A 237 -4.01 8.20 7.80
CA LEU A 237 -3.11 8.34 8.90
C LEU A 237 -2.31 9.64 8.84
N ASP A 238 -2.34 10.37 9.93
CA ASP A 238 -1.35 11.44 10.16
C ASP A 238 -0.10 10.80 10.82
N ALA A 239 0.88 10.46 9.99
CA ALA A 239 2.07 9.74 10.41
C ALA A 239 3.21 10.72 10.32
N ASP A 240 3.54 11.35 11.41
CA ASP A 240 4.49 12.45 11.30
C ASP A 240 5.91 12.14 11.02
N THR A 241 6.32 10.89 11.09
CA THR A 241 7.66 10.53 10.76
C THR A 241 7.91 10.20 9.30
N ILE A 242 6.86 10.05 8.54
CA ILE A 242 6.90 9.63 7.17
C ILE A 242 6.88 10.81 6.21
N ASN A 243 8.05 11.10 5.69
CA ASN A 243 8.20 12.18 4.68
C ASN A 243 8.50 11.73 3.28
N HIS A 244 8.73 10.42 3.07
CA HIS A 244 9.24 9.89 1.77
C HIS A 244 8.72 8.44 1.64
N PRO A 245 8.20 8.06 0.48
CA PRO A 245 7.57 6.72 0.35
C PRO A 245 8.52 5.53 0.61
N ALA A 246 9.82 5.77 0.48
CA ALA A 246 10.78 4.69 0.70
C ALA A 246 10.79 4.29 2.16
N GLN A 247 10.34 5.15 3.07
CA GLN A 247 10.29 4.85 4.46
C GLN A 247 9.30 3.77 4.77
N LEU A 248 8.33 3.54 3.89
CA LEU A 248 7.32 2.51 4.12
C LEU A 248 7.34 1.31 3.16
N SER A 249 8.11 1.42 2.09
CA SER A 249 8.11 0.40 1.06
C SER A 249 8.54 -1.01 1.61
N LYS A 250 9.35 -1.14 2.67
CA LYS A 250 9.65 -2.45 3.20
C LYS A 250 8.73 -2.88 4.38
N THR A 251 7.65 -2.14 4.62
CA THR A 251 6.67 -2.51 5.62
C THR A 251 5.55 -3.29 4.92
N SER A 252 4.66 -3.82 5.72
CA SER A 252 3.51 -4.54 5.09
C SER A 252 2.25 -3.68 5.31
N LEU A 253 2.45 -2.36 5.50
CA LEU A 253 1.28 -1.41 5.48
C LEU A 253 0.64 -1.17 4.12
N ALA A 254 1.41 -1.29 3.05
CA ALA A 254 0.94 -1.01 1.66
C ALA A 254 0.14 0.25 1.57
N PRO A 255 0.71 1.39 2.08
CA PRO A 255 -0.13 2.59 2.04
C PRO A 255 -0.48 3.08 0.62
N ILE A 256 -1.50 3.90 0.54
CA ILE A 256 -1.74 4.80 -0.60
C ILE A 256 -0.94 6.05 -0.25
N ILE A 257 0.09 6.30 -1.06
CA ILE A 257 0.94 7.45 -0.82
C ILE A 257 0.44 8.59 -1.68
N VAL A 258 0.06 9.71 -1.03
CA VAL A 258 -0.44 10.89 -1.69
C VAL A 258 0.70 11.96 -1.61
N TYR A 259 1.22 12.37 -2.75
CA TYR A 259 2.31 13.35 -2.83
C TYR A 259 1.72 14.72 -3.13
N ILE A 260 1.78 15.64 -2.15
CA ILE A 260 1.44 17.03 -2.44
C ILE A 260 2.70 17.71 -2.98
N LYS A 261 2.66 18.09 -4.24
CA LYS A 261 3.83 18.47 -4.97
C LYS A 261 3.73 19.94 -5.35
N ILE A 262 4.64 20.73 -4.81
CA ILE A 262 4.83 22.10 -5.30
C ILE A 262 5.91 22.08 -6.35
N THR A 263 5.49 22.12 -7.61
CA THR A 263 6.44 21.92 -8.69
C THR A 263 7.56 22.92 -8.73
N SER A 264 7.28 24.17 -8.41
CA SER A 264 8.33 25.23 -8.45
C SER A 264 8.98 25.44 -7.08
N PRO A 265 10.28 25.18 -6.94
CA PRO A 265 10.87 25.43 -5.62
C PRO A 265 10.91 26.93 -5.28
N LYS A 266 10.87 27.82 -6.25
CA LYS A 266 10.77 29.23 -5.97
C LYS A 266 9.44 29.60 -5.25
N VAL A 267 8.35 28.92 -5.64
CA VAL A 267 7.13 29.04 -4.96
C VAL A 267 7.22 28.55 -3.50
N LEU A 268 7.74 27.36 -3.29
CA LEU A 268 7.92 26.83 -1.92
C LEU A 268 8.76 27.80 -1.05
N GLN A 269 9.85 28.37 -1.59
CA GLN A 269 10.70 29.28 -0.85
CA GLN A 269 10.69 29.28 -0.87
C GLN A 269 9.85 30.47 -0.37
N ARG A 270 9.07 31.03 -1.26
CA ARG A 270 8.22 32.19 -0.88
C ARG A 270 7.14 31.85 0.12
N LEU A 271 6.56 30.66 0.02
CA LEU A 271 5.60 30.18 1.01
C LEU A 271 6.20 30.03 2.40
N ILE A 272 7.37 29.41 2.48
CA ILE A 272 8.09 29.28 3.72
C ILE A 272 8.39 30.68 4.27
N LYS A 273 8.88 31.59 3.45
CA LYS A 273 9.11 32.95 3.91
C LYS A 273 7.86 33.64 4.43
N SER A 274 6.70 33.33 3.87
CA SER A 274 5.40 33.92 4.30
C SER A 274 5.11 33.60 5.76
N ARG A 275 5.74 32.52 6.26
CA ARG A 275 5.54 32.09 7.66
C ARG A 275 6.37 32.82 8.66
N GLY A 276 7.30 33.66 8.22
CA GLY A 276 8.14 34.34 9.14
C GLY A 276 9.44 33.66 9.47
N LYS A 277 10.27 34.42 10.16
CA LYS A 277 11.71 34.12 10.34
C LYS A 277 11.88 32.81 11.10
N SER A 278 11.00 32.53 12.02
CA SER A 278 11.08 31.29 12.79
C SER A 278 10.87 30.03 11.94
N GLN A 279 10.17 30.14 10.83
CA GLN A 279 10.12 29.04 9.82
C GLN A 279 11.16 29.13 8.70
N SER A 280 11.43 30.34 8.22
CA SER A 280 12.37 30.51 7.09
C SER A 280 13.82 30.36 7.52
N LYS A 281 14.13 30.42 8.81
CA LYS A 281 15.47 30.04 9.24
C LYS A 281 15.76 28.54 8.95
N HIS A 282 14.69 27.76 8.73
CA HIS A 282 14.79 26.34 8.33
C HIS A 282 14.50 26.12 6.86
N LEU A 283 14.80 27.11 6.05
CA LEU A 283 14.51 27.02 4.65
C LEU A 283 15.29 25.87 4.02
N ASN A 284 16.57 25.76 4.33
CA ASN A 284 17.39 24.80 3.61
C ASN A 284 16.96 23.34 3.78
N VAL A 285 16.68 22.93 5.01
CA VAL A 285 16.23 21.60 5.26
C VAL A 285 14.89 21.29 4.54
N GLN A 286 14.03 22.28 4.43
CA GLN A 286 12.71 22.09 3.84
C GLN A 286 12.85 22.04 2.33
N ILE A 287 13.75 22.84 1.79
CA ILE A 287 13.98 22.82 0.32
C ILE A 287 14.59 21.49 -0.09
N ALA A 288 15.53 20.99 0.70
CA ALA A 288 16.21 19.71 0.43
C ALA A 288 15.21 18.55 0.41
N ALA A 289 14.29 18.51 1.37
CA ALA A 289 13.25 17.48 1.43
C ALA A 289 12.31 17.50 0.24
N SER A 290 11.93 18.71 -0.19
CA SER A 290 11.10 18.89 -1.38
C SER A 290 11.81 18.39 -2.65
N GLU A 291 13.11 18.67 -2.73
CA GLU A 291 13.94 18.21 -3.89
C GLU A 291 14.01 16.69 -3.91
N LYS A 292 14.15 16.08 -2.75
CA LYS A 292 14.19 14.59 -2.66
C LYS A 292 12.92 14.00 -3.14
N LEU A 293 11.77 14.57 -2.73
CA LEU A 293 10.54 14.00 -3.29
C LEU A 293 10.47 14.14 -4.83
N ALA A 294 10.93 15.29 -5.35
CA ALA A 294 10.87 15.56 -6.77
C ALA A 294 11.84 14.66 -7.54
N GLN A 295 12.85 14.12 -6.88
CA GLN A 295 13.81 13.18 -7.51
C GLN A 295 13.27 11.74 -7.57
N CYS A 296 12.27 11.45 -6.78
CA CYS A 296 11.68 10.10 -6.70
CA CYS A 296 11.73 10.11 -6.65
C CYS A 296 11.05 9.68 -7.98
N PRO A 297 11.29 8.42 -8.44
CA PRO A 297 10.51 7.85 -9.56
C PRO A 297 8.99 8.00 -9.23
N PRO A 298 8.17 8.43 -10.18
CA PRO A 298 6.77 8.72 -9.86
C PRO A 298 5.98 7.50 -9.44
N GLU A 299 6.44 6.33 -9.83
CA GLU A 299 5.73 5.16 -9.42
C GLU A 299 5.83 4.87 -7.92
N MET A 300 6.60 5.62 -7.14
CA MET A 300 6.58 5.37 -5.71
CA MET A 300 6.65 5.45 -5.70
C MET A 300 5.45 6.14 -5.09
N PHE A 301 4.69 6.89 -5.89
CA PHE A 301 3.47 7.56 -5.40
C PHE A 301 2.22 6.96 -6.00
N ASP A 302 1.14 6.88 -5.24
CA ASP A 302 -0.12 6.45 -5.76
C ASP A 302 -0.88 7.57 -6.47
N ILE A 303 -0.68 8.81 -5.99
CA ILE A 303 -1.38 9.97 -6.57
C ILE A 303 -0.45 11.18 -6.28
N ILE A 304 -0.31 12.00 -7.31
CA ILE A 304 0.46 13.23 -7.25
C ILE A 304 -0.49 14.43 -7.40
N LEU A 305 -0.53 15.29 -6.36
CA LEU A 305 -1.38 16.47 -6.38
C LEU A 305 -0.46 17.67 -6.63
N ASP A 306 -0.38 18.07 -7.89
CA ASP A 306 0.41 19.23 -8.27
C ASP A 306 -0.44 20.44 -8.64
N GLU A 307 -1.71 20.44 -8.25
CA GLU A 307 -2.65 21.54 -8.45
C GLU A 307 -2.33 22.65 -7.49
N ASN A 308 -2.42 23.91 -7.93
CA ASN A 308 -2.18 25.03 -7.03
C ASN A 308 -3.42 25.55 -6.30
N GLN A 309 -4.57 24.95 -6.53
CA GLN A 309 -5.73 25.32 -5.73
C GLN A 309 -6.18 24.16 -4.86
N LEU A 310 -6.47 24.45 -3.60
CA LEU A 310 -6.89 23.37 -2.64
C LEU A 310 -8.10 22.61 -3.17
N GLU A 311 -9.10 23.33 -3.68
CA GLU A 311 -10.36 22.65 -4.18
C GLU A 311 -10.06 21.67 -5.29
N ASP A 312 -9.12 22.01 -6.15
CA ASP A 312 -8.72 21.18 -7.27
C ASP A 312 -7.92 19.95 -6.84
N ALA A 313 -7.01 20.10 -5.89
CA ALA A 313 -6.28 18.98 -5.34
C ALA A 313 -7.23 18.02 -4.62
N CYS A 314 -8.15 18.59 -3.88
CA CYS A 314 -9.19 17.83 -3.19
C CYS A 314 -10.05 17.01 -4.12
N GLU A 315 -10.50 17.57 -5.23
CA GLU A 315 -11.36 16.89 -6.15
C GLU A 315 -10.65 15.73 -6.78
N HIS A 316 -9.36 15.93 -7.09
CA HIS A 316 -8.58 14.88 -7.72
C HIS A 316 -8.42 13.72 -6.70
N LEU A 317 -8.03 14.05 -5.46
CA LEU A 317 -7.89 13.02 -4.42
C LEU A 317 -9.20 12.31 -4.16
N ALA A 318 -10.29 13.05 -4.12
CA ALA A 318 -11.61 12.43 -3.88
C ALA A 318 -12.02 11.49 -4.98
N GLU A 319 -11.74 11.84 -6.24
CA GLU A 319 -11.98 10.97 -7.34
C GLU A 319 -11.20 9.68 -7.28
N TYR A 320 -9.95 9.76 -6.90
CA TYR A 320 -9.12 8.59 -6.73
C TYR A 320 -9.73 7.69 -5.64
N LEU A 321 -10.09 8.29 -4.52
CA LEU A 321 -10.64 7.56 -3.38
C LEU A 321 -12.01 6.99 -3.65
N GLU A 322 -12.81 7.65 -4.50
CA GLU A 322 -14.07 7.02 -4.94
C GLU A 322 -13.79 5.79 -5.79
N ALA A 323 -12.81 5.85 -6.69
CA ALA A 323 -12.44 4.69 -7.47
C ALA A 323 -11.89 3.50 -6.57
N TYR A 324 -11.19 3.88 -5.53
CA TYR A 324 -10.64 2.89 -4.59
C TYR A 324 -11.86 2.25 -3.77
N TRP A 325 -12.80 3.07 -3.35
CA TRP A 325 -14.03 2.60 -2.75
C TRP A 325 -14.74 1.57 -3.64
N LYS A 326 -14.93 1.89 -4.93
CA LYS A 326 -15.53 0.94 -5.86
C LYS A 326 -14.75 -0.36 -5.98
N ALA A 327 -13.41 -0.28 -6.04
CA ALA A 327 -12.55 -1.45 -6.15
C ALA A 327 -12.66 -2.37 -4.90
N THR A 328 -12.90 -1.77 -3.73
CA THR A 328 -12.94 -2.50 -2.45
C THR A 328 -14.37 -2.89 -2.06
N HIS A 329 -15.41 -2.30 -2.68
CA HIS A 329 -16.80 -2.58 -2.33
C HIS A 329 -17.62 -2.96 -3.57
N PRO A 330 -17.42 -4.17 -4.08
CA PRO A 330 -18.22 -4.55 -5.21
C PRO A 330 -19.71 -4.65 -4.88
N PRO A 331 -20.56 -4.37 -5.87
CA PRO A 331 -22.00 -4.49 -5.53
C PRO A 331 -22.47 -5.85 -5.14
N SER A 332 -21.81 -6.90 -5.60
CA SER A 332 -22.16 -8.27 -5.18
C SER A 332 -21.78 -8.55 -3.68
N SER A 333 -21.02 -7.63 -3.03
CA SER A 333 -20.55 -7.84 -1.64
C SER A 333 -21.73 -7.79 -0.64
C ACE B 1 4.59 35.50 -13.22
O ACE B 1 4.18 35.26 -12.10
CH3 ACE B 1 6.08 35.69 -13.43
N GLN B 2 3.85 35.15 -14.32
CA GLN B 2 2.37 34.98 -14.12
C GLN B 2 2.03 33.66 -13.41
N GLN B 3 2.76 32.59 -13.71
CA GLN B 3 2.50 31.38 -12.99
C GLN B 3 2.95 31.43 -11.53
N LEU B 4 4.12 31.99 -11.24
CA LEU B 4 4.52 32.22 -9.88
C LEU B 4 3.43 32.92 -9.10
N GLU B 5 2.90 33.98 -9.66
CA GLU B 5 1.92 34.81 -8.92
C GLU B 5 0.70 33.94 -8.62
N GLU B 6 0.24 33.20 -9.61
CA GLU B 6 -0.96 32.34 -9.43
C GLU B 6 -0.71 31.21 -8.45
N ASP B 7 0.47 30.57 -8.52
CA ASP B 7 0.83 29.57 -7.55
C ASP B 7 0.84 30.10 -6.13
N LEU B 8 1.46 31.27 -5.94
CA LEU B 8 1.51 31.87 -4.63
C LEU B 8 0.07 32.10 -4.10
N ARG B 9 -0.79 32.71 -4.91
CA ARG B 9 -2.14 33.06 -4.45
CA ARG B 9 -2.15 33.03 -4.43
C ARG B 9 -2.90 31.74 -4.00
N GLY B 10 -2.79 30.70 -4.83
CA GLY B 10 -3.52 29.45 -4.60
C GLY B 10 -2.96 28.75 -3.37
N TYR B 11 -1.62 28.65 -3.27
CA TYR B 11 -1.06 27.94 -2.16
C TYR B 11 -1.18 28.69 -0.84
N MET B 12 -1.15 30.01 -0.87
CA MET B 12 -1.34 30.82 0.35
CA MET B 12 -1.34 30.74 0.37
C MET B 12 -2.75 30.60 0.86
N SER B 13 -3.73 30.54 -0.02
CA SER B 13 -5.13 30.31 0.37
CA SER B 13 -5.10 30.32 0.41
C SER B 13 -5.23 28.89 1.00
N TRP B 14 -4.54 27.92 0.39
CA TRP B 14 -4.58 26.53 0.83
C TRP B 14 -4.03 26.48 2.28
N ILE B 15 -2.88 27.12 2.50
CA ILE B 15 -2.31 27.20 3.82
C ILE B 15 -3.30 27.75 4.85
N THR B 16 -3.95 28.89 4.53
CA THR B 16 -4.94 29.49 5.48
C THR B 16 -6.04 28.52 5.83
N GLN B 17 -6.49 27.76 4.88
CA GLN B 17 -7.54 26.81 5.15
C GLN B 17 -7.10 25.69 6.09
N GLY B 18 -5.81 25.41 6.12
CA GLY B 18 -5.27 24.51 7.08
C GLY B 18 -5.09 25.07 8.47
N GLU B 19 -5.34 26.35 8.71
CA GLU B 19 -5.34 26.86 10.07
C GLU B 19 -6.38 26.24 11.00
N NH2 B 20 -6.11 26.33 12.27
C1 PGE C . -4.59 -14.92 8.85
O1 PGE C . -5.64 -15.83 9.15
C2 PGE C . -4.15 -15.18 7.41
O2 PGE C . -3.29 -16.34 7.25
C3 PGE C . -2.52 -16.29 6.04
C4 PGE C . -1.50 -17.43 5.96
O4 PGE C . -3.32 -21.12 6.37
C6 PGE C . -2.35 -20.97 5.31
C5 PGE C . -1.38 -19.84 5.65
O3 PGE C . -2.12 -18.71 6.15
C1 PGE D . 12.64 22.20 15.25
O1 PGE D . 13.11 22.60 13.94
C2 PGE D . 12.01 20.80 15.14
O2 PGE D . 11.28 20.78 13.92
C3 PGE D . 10.31 19.73 13.80
C4 PGE D . 10.86 18.56 12.98
O3 PGE D . 10.13 17.39 13.36
#